data_9R0E
#
_entry.id   9R0E
#
_cell.length_a   184.658
_cell.length_b   184.658
_cell.length_c   112.732
_cell.angle_alpha   90.000
_cell.angle_beta   90.000
_cell.angle_gamma   120.000
#
_symmetry.space_group_name_H-M   'H 3 2'
#
loop_
_entity.id
_entity.type
_entity.pdbx_description
1 polymer 'Dehydrodolichyl diphosphate synthase complex subunit DHDDS'
2 polymer 'Dehydrodolichyl diphosphate synthase complex subunit NUS1'
3 non-polymer '3-METHYLBUT-3-ENYL TRIHYDROGEN DIPHOSPHATE'
4 non-polymer 'S-[(2E,6E)-3,7,11-TRIMETHYLDODECA-2,6,10-TRIENYL] TRIHYDROGEN THIODIPHOSPHATE'
5 non-polymer 'MAGNESIUM ION'
#
loop_
_entity_poly.entity_id
_entity_poly.type
_entity_poly.pdbx_seq_one_letter_code
_entity_poly.pdbx_strand_id
1 'polypeptide(L)'
;GSGSGSGMSWIKEGELSLWERFCANIIKAGPMPKHIAFIMDGNRRYAKKCQVERQEGHSQGFNKLAETLRWCLNLGILEV
TVYAFSIENFKRSKSEVDGLMDLARQKFSRLMEEKEKLQKHGVCIRVLGDLHLLPLDLQELIAQAVQATKNYNKCFLNVC
FAYTSRHEISNAVREMAWGVEQGLLDPSDISESLLDKCLYTNRSPHPDILIRTSGEVRLSDFLLWQTSHSCLVFQPVLWP
EYTFWNLFEAILQFQMNHSVLQKARDMYAEERKRQQLERDQATVTEQLLREGLQASGDAQLRRTRLHKLSARREERVQGF
LQALELKRADWLARLGTASA
;
A
2 'polypeptide(L)'
;GRGGSCLAAAHHRMRWRADGRSLEKLPVHMGLVITEVEQEPSFSDIASLVVWCMAVGISYISVYDHQGIFKRNNSRLMDE
ILKQQQELLGLDCSKDKDDQVLNCHLAVKVLSPEDGKADIVRAAQDFCQLVAQKQKRPTDLDVDTLASLLSSNGCPDPDL
VLKFGPVDTTLGFLPWHIRLTEIVSLPSHLNISYEDFFSALRQYAACEQRLGK
;
B
#
# COMPACT_ATOMS: atom_id res chain seq x y z
N GLY A 7 -4.21 -18.94 26.31
CA GLY A 7 -5.51 -19.41 26.77
C GLY A 7 -6.53 -19.52 25.66
N MET A 8 -6.41 -18.62 24.68
CA MET A 8 -7.26 -18.66 23.50
C MET A 8 -6.41 -18.97 22.28
N SER A 9 -6.93 -19.83 21.41
CA SER A 9 -6.24 -20.20 20.17
C SER A 9 -6.44 -19.09 19.14
N TRP A 10 -6.00 -19.31 17.90
CA TRP A 10 -6.03 -18.29 16.87
C TRP A 10 -7.33 -18.24 16.07
N ILE A 11 -8.24 -19.20 16.25
CA ILE A 11 -9.50 -19.21 15.51
C ILE A 11 -10.59 -19.83 16.38
N LYS A 12 -11.84 -19.50 16.04
CA LYS A 12 -13.02 -19.97 16.76
C LYS A 12 -13.87 -20.83 15.84
N GLU A 13 -14.73 -21.65 16.44
CA GLU A 13 -15.54 -22.62 15.71
C GLU A 13 -17.00 -22.17 15.55
N GLY A 14 -17.32 -20.92 15.88
CA GLY A 14 -18.68 -20.44 15.82
C GLY A 14 -19.31 -20.46 14.44
N GLU A 15 -20.47 -21.08 14.34
CA GLU A 15 -21.21 -21.08 13.08
C GLU A 15 -21.89 -19.73 12.86
N LEU A 16 -22.26 -19.47 11.61
CA LEU A 16 -22.99 -18.24 11.31
C LEU A 16 -24.44 -18.34 11.77
N SER A 17 -25.02 -17.18 12.04
CA SER A 17 -26.41 -17.07 12.46
C SER A 17 -27.33 -17.12 11.25
N LEU A 18 -28.65 -17.22 11.51
CA LEU A 18 -29.62 -17.25 10.43
C LEU A 18 -29.46 -16.05 9.49
N TRP A 19 -29.64 -14.85 10.04
CA TRP A 19 -29.54 -13.66 9.18
C TRP A 19 -28.14 -13.53 8.59
N GLU A 20 -27.12 -13.83 9.40
CA GLU A 20 -25.75 -13.76 8.90
C GLU A 20 -25.53 -14.74 7.75
N ARG A 21 -26.11 -15.93 7.86
CA ARG A 21 -25.92 -16.92 6.81
C ARG A 21 -26.75 -16.60 5.58
N PHE A 22 -27.94 -16.02 5.80
CA PHE A 22 -28.79 -15.59 4.70
C PHE A 22 -28.14 -14.43 3.93
N CYS A 23 -27.79 -13.35 4.64
CA CYS A 23 -27.10 -12.24 4.00
C CYS A 23 -25.81 -12.70 3.33
N ALA A 24 -25.10 -13.64 3.95
CA ALA A 24 -23.88 -14.16 3.34
C ALA A 24 -24.18 -14.80 1.99
N ASN A 25 -25.11 -15.77 1.96
CA ASN A 25 -25.50 -16.40 0.71
C ASN A 25 -25.85 -15.38 -0.35
N ILE A 26 -26.36 -14.22 0.06
CA ILE A 26 -26.74 -13.20 -0.91
C ILE A 26 -25.50 -12.57 -1.53
N ILE A 27 -24.60 -12.01 -0.71
CA ILE A 27 -23.42 -11.38 -1.31
C ILE A 27 -22.59 -12.40 -2.07
N LYS A 28 -22.59 -13.65 -1.61
CA LYS A 28 -21.76 -14.65 -2.25
C LYS A 28 -22.15 -14.87 -3.70
N ALA A 29 -23.32 -14.37 -4.12
CA ALA A 29 -23.70 -14.47 -5.52
C ALA A 29 -22.84 -13.56 -6.39
N GLY A 30 -22.30 -12.49 -5.81
CA GLY A 30 -21.50 -11.54 -6.54
C GLY A 30 -20.01 -11.77 -6.33
N PRO A 31 -19.19 -10.82 -6.77
CA PRO A 31 -17.73 -10.97 -6.65
C PRO A 31 -17.29 -10.95 -5.19
N MET A 32 -16.64 -12.04 -4.75
CA MET A 32 -16.18 -11.99 -3.38
C MET A 32 -14.68 -11.71 -3.33
N PRO A 33 -14.21 -11.05 -2.27
CA PRO A 33 -12.78 -10.80 -2.17
C PRO A 33 -12.04 -12.09 -1.81
N LYS A 34 -10.90 -12.29 -2.48
CA LYS A 34 -10.05 -13.44 -2.21
C LYS A 34 -9.13 -13.20 -1.02
N HIS A 35 -8.91 -11.95 -0.64
CA HIS A 35 -7.94 -11.61 0.38
C HIS A 35 -8.35 -10.28 0.99
N ILE A 36 -8.53 -10.24 2.30
CA ILE A 36 -8.89 -9.02 3.01
C ILE A 36 -7.77 -8.69 3.99
N ALA A 37 -7.46 -7.40 4.12
CA ALA A 37 -6.42 -6.95 5.03
C ALA A 37 -7.02 -6.05 6.12
N PHE A 38 -6.51 -6.19 7.34
CA PHE A 38 -7.05 -5.54 8.54
C PHE A 38 -5.96 -4.81 9.29
N ILE A 39 -6.17 -3.52 9.56
CA ILE A 39 -5.32 -2.72 10.43
C ILE A 39 -6.10 -2.57 11.74
N MET A 40 -5.86 -3.51 12.66
CA MET A 40 -6.65 -3.61 13.88
C MET A 40 -6.43 -2.43 14.83
N ASP A 41 -7.09 -1.31 14.59
CA ASP A 41 -6.84 -0.08 15.33
C ASP A 41 -7.97 0.22 16.32
N GLY A 42 -7.61 0.84 17.44
CA GLY A 42 -8.59 1.30 18.42
C GLY A 42 -8.58 0.53 19.73
N ASN A 43 -7.62 -0.39 19.93
CA ASN A 43 -7.60 -1.21 21.13
C ASN A 43 -7.49 -0.37 22.38
N ARG A 44 -6.62 0.65 22.34
CA ARG A 44 -6.41 1.48 23.51
C ARG A 44 -7.62 2.37 23.77
N ARG A 45 -8.18 2.98 22.72
CA ARG A 45 -9.33 3.84 22.92
C ARG A 45 -10.51 3.04 23.47
N TYR A 46 -10.66 1.80 23.01
CA TYR A 46 -11.73 0.95 23.50
C TYR A 46 -11.57 0.62 24.98
N ALA A 47 -10.33 0.48 25.44
CA ALA A 47 -10.13 0.19 26.86
C ALA A 47 -10.56 1.38 27.73
N LYS A 48 -10.34 2.60 27.24
CA LYS A 48 -10.68 3.77 28.03
C LYS A 48 -12.19 3.90 28.20
N LYS A 49 -12.94 3.74 27.11
CA LYS A 49 -14.40 3.80 27.20
C LYS A 49 -14.93 2.68 28.10
N CYS A 50 -14.34 1.49 28.03
CA CYS A 50 -14.73 0.40 28.89
C CYS A 50 -14.12 0.48 30.28
N GLN A 51 -13.24 1.47 30.52
CA GLN A 51 -12.59 1.65 31.81
C GLN A 51 -11.82 0.39 32.23
N VAL A 52 -11.05 -0.15 31.30
CA VAL A 52 -10.25 -1.34 31.55
C VAL A 52 -8.80 -1.05 31.18
N GLU A 53 -7.89 -1.84 31.75
CA GLU A 53 -6.47 -1.66 31.49
C GLU A 53 -6.17 -1.82 30.01
N ARG A 54 -5.09 -1.17 29.57
CA ARG A 54 -4.72 -1.19 28.16
C ARG A 54 -4.47 -2.60 27.67
N GLN A 55 -3.78 -3.41 28.47
CA GLN A 55 -3.49 -4.78 28.06
C GLN A 55 -4.77 -5.55 27.77
N GLU A 56 -5.80 -5.34 28.58
CA GLU A 56 -7.06 -6.04 28.36
C GLU A 56 -7.69 -5.62 27.04
N GLY A 57 -7.57 -4.34 26.67
CA GLY A 57 -7.99 -3.91 25.36
C GLY A 57 -7.28 -4.67 24.25
N HIS A 58 -5.95 -4.80 24.35
CA HIS A 58 -5.22 -5.58 23.35
C HIS A 58 -5.60 -7.04 23.42
N SER A 59 -5.81 -7.56 24.63
CA SER A 59 -6.23 -8.95 24.78
C SER A 59 -7.57 -9.20 24.10
N GLN A 60 -8.55 -8.33 24.35
CA GLN A 60 -9.80 -8.41 23.62
C GLN A 60 -9.56 -8.33 22.12
N GLY A 61 -8.64 -7.46 21.70
CA GLY A 61 -8.34 -7.34 20.29
C GLY A 61 -7.99 -8.66 19.64
N PHE A 62 -7.22 -9.49 20.34
CA PHE A 62 -6.92 -10.81 19.82
C PHE A 62 -8.17 -11.67 19.72
N ASN A 63 -8.99 -11.68 20.77
CA ASN A 63 -10.25 -12.43 20.72
C ASN A 63 -11.04 -12.06 19.48
N LYS A 64 -11.08 -10.77 19.16
CA LYS A 64 -11.80 -10.32 17.97
C LYS A 64 -11.11 -10.82 16.70
N LEU A 65 -9.78 -10.80 16.67
CA LEU A 65 -9.06 -11.32 15.51
C LEU A 65 -9.41 -12.79 15.25
N ALA A 66 -9.56 -13.59 16.31
CA ALA A 66 -10.02 -14.96 16.14
C ALA A 66 -11.47 -15.00 15.71
N GLU A 67 -12.30 -14.13 16.28
CA GLU A 67 -13.70 -14.05 15.87
C GLU A 67 -13.81 -13.66 14.41
N THR A 68 -13.08 -12.61 14.00
CA THR A 68 -13.17 -12.11 12.63
C THR A 68 -12.63 -13.12 11.63
N LEU A 69 -11.59 -13.87 12.02
CA LEU A 69 -11.05 -14.88 11.11
C LEU A 69 -12.08 -15.97 10.81
N ARG A 70 -12.84 -16.40 11.81
CA ARG A 70 -13.88 -17.40 11.56
C ARG A 70 -14.96 -16.85 10.63
N TRP A 71 -15.38 -15.60 10.87
CA TRP A 71 -16.28 -14.94 9.94
C TRP A 71 -15.74 -14.98 8.52
N CYS A 72 -14.45 -14.70 8.36
CA CYS A 72 -13.85 -14.76 7.02
C CYS A 72 -13.95 -16.16 6.44
N LEU A 73 -13.60 -17.17 7.23
CA LEU A 73 -13.70 -18.55 6.74
C LEU A 73 -15.14 -18.90 6.41
N ASN A 74 -16.08 -18.44 7.23
CA ASN A 74 -17.49 -18.70 6.96
C ASN A 74 -17.95 -18.02 5.68
N LEU A 75 -17.29 -16.94 5.28
CA LEU A 75 -17.63 -16.24 4.04
C LEU A 75 -16.81 -16.71 2.85
N GLY A 76 -15.92 -17.67 3.06
CA GLY A 76 -15.07 -18.16 1.99
C GLY A 76 -13.80 -17.38 1.77
N ILE A 77 -13.61 -16.26 2.49
CA ILE A 77 -12.40 -15.46 2.38
C ILE A 77 -11.26 -16.24 3.06
N LEU A 78 -10.34 -16.78 2.27
CA LEU A 78 -9.41 -17.76 2.83
C LEU A 78 -8.06 -17.17 3.21
N GLU A 79 -7.67 -16.02 2.65
CA GLU A 79 -6.40 -15.40 2.98
C GLU A 79 -6.66 -14.07 3.67
N VAL A 80 -6.10 -13.89 4.87
CA VAL A 80 -6.28 -12.69 5.66
C VAL A 80 -4.92 -12.20 6.15
N THR A 81 -4.63 -10.92 5.89
CA THR A 81 -3.44 -10.27 6.41
C THR A 81 -3.82 -9.20 7.43
N VAL A 82 -3.11 -9.17 8.54
CA VAL A 82 -3.44 -8.27 9.66
C VAL A 82 -2.19 -7.53 10.10
N TYR A 83 -2.38 -6.28 10.57
CA TYR A 83 -1.34 -5.45 11.15
C TYR A 83 -1.38 -5.60 12.66
N ALA A 84 -0.37 -6.28 13.22
CA ALA A 84 -0.37 -6.61 14.63
C ALA A 84 0.59 -5.76 15.44
N PHE A 85 1.78 -5.51 14.93
CA PHE A 85 2.75 -4.67 15.63
C PHE A 85 3.57 -3.92 14.60
N SER A 86 3.64 -2.59 14.76
CA SER A 86 4.45 -1.75 13.88
C SER A 86 5.79 -1.46 14.52
N ILE A 87 6.81 -1.32 13.68
CA ILE A 87 8.11 -0.88 14.19
C ILE A 87 7.93 0.40 14.97
N GLU A 88 7.00 1.25 14.54
CA GLU A 88 6.72 2.50 15.24
C GLU A 88 6.24 2.25 16.67
N ASN A 89 5.44 1.20 16.86
CA ASN A 89 4.91 0.91 18.20
C ASN A 89 6.01 0.57 19.20
N PHE A 90 7.24 0.33 18.75
CA PHE A 90 8.35 0.16 19.66
C PHE A 90 8.65 1.40 20.47
N LYS A 91 8.07 2.55 20.11
CA LYS A 91 8.32 3.80 20.81
C LYS A 91 7.31 4.08 21.91
N ARG A 92 6.43 3.12 22.23
CA ARG A 92 5.48 3.28 23.31
C ARG A 92 6.15 2.97 24.64
N SER A 93 5.41 3.09 25.74
CA SER A 93 5.94 2.80 27.05
C SER A 93 6.40 1.35 27.13
N LYS A 94 7.45 1.09 27.91
CA LYS A 94 7.93 -0.27 28.07
C LYS A 94 6.81 -1.21 28.52
N SER A 95 6.01 -0.77 29.50
CA SER A 95 4.87 -1.55 29.98
C SER A 95 4.02 -2.05 28.84
N GLU A 96 3.55 -1.13 28.00
CA GLU A 96 2.69 -1.53 26.90
C GLU A 96 3.44 -2.38 25.88
N VAL A 97 4.68 -1.99 25.54
CA VAL A 97 5.43 -2.74 24.54
C VAL A 97 5.74 -4.14 25.05
N ASP A 98 6.28 -4.25 26.27
CA ASP A 98 6.48 -5.57 26.86
C ASP A 98 5.17 -6.34 26.94
N GLY A 99 4.08 -5.65 27.30
CA GLY A 99 2.80 -6.33 27.37
C GLY A 99 2.36 -6.92 26.05
N LEU A 100 2.58 -6.18 24.96
CA LEU A 100 2.25 -6.71 23.64
C LEU A 100 3.13 -7.90 23.27
N MET A 101 4.43 -7.84 23.63
CA MET A 101 5.29 -8.98 23.37
C MET A 101 4.82 -10.20 24.15
N ASP A 102 4.60 -10.03 25.45
CA ASP A 102 4.05 -11.09 26.29
C ASP A 102 2.81 -11.70 25.66
N LEU A 103 1.84 -10.85 25.30
CA LEU A 103 0.60 -11.35 24.72
C LEU A 103 0.87 -12.14 23.44
N ALA A 104 1.89 -11.74 22.67
CA ALA A 104 2.26 -12.50 21.49
C ALA A 104 2.83 -13.85 21.89
N ARG A 105 3.74 -13.86 22.85
CA ARG A 105 4.36 -15.11 23.29
C ARG A 105 3.33 -16.10 23.79
N GLN A 106 2.26 -15.61 24.41
CA GLN A 106 1.24 -16.50 24.95
C GLN A 106 0.49 -17.21 23.82
N LYS A 107 0.06 -16.44 22.82
CA LYS A 107 -0.77 -17.04 21.77
C LYS A 107 0.08 -17.93 20.85
N PHE A 108 1.25 -17.46 20.45
CA PHE A 108 2.12 -18.27 19.59
C PHE A 108 2.50 -19.58 20.27
N SER A 109 2.66 -19.57 21.59
CA SER A 109 2.90 -20.82 22.31
C SER A 109 1.63 -21.68 22.33
N ARG A 110 0.47 -21.08 22.59
CA ARG A 110 -0.77 -21.85 22.59
C ARG A 110 -1.07 -22.41 21.21
N LEU A 111 -0.70 -21.68 20.15
CA LEU A 111 -0.91 -22.21 18.80
C LEU A 111 -0.16 -23.51 18.59
N MET A 112 1.04 -23.62 19.15
CA MET A 112 1.77 -24.88 19.07
C MET A 112 1.17 -25.94 19.97
N GLU A 113 0.66 -25.53 21.14
CA GLU A 113 -0.03 -26.49 22.00
C GLU A 113 -1.29 -27.00 21.32
N GLU A 114 -2.00 -26.11 20.63
CA GLU A 114 -3.17 -26.46 19.81
C GLU A 114 -2.76 -26.78 18.38
N LYS A 115 -1.59 -27.36 18.19
CA LYS A 115 -1.26 -27.90 16.89
C LYS A 115 -2.24 -29.02 16.54
N GLU A 116 -2.04 -29.62 15.36
CA GLU A 116 -2.91 -30.66 14.82
C GLU A 116 -4.29 -30.10 14.52
N LYS A 117 -4.88 -29.36 15.47
CA LYS A 117 -6.03 -28.53 15.14
C LYS A 117 -5.69 -27.54 14.03
N LEU A 118 -4.44 -27.06 13.99
CA LEU A 118 -4.02 -26.25 12.85
C LEU A 118 -3.85 -27.11 11.61
N GLN A 119 -3.31 -28.32 11.76
CA GLN A 119 -3.30 -29.24 10.64
C GLN A 119 -4.71 -29.67 10.24
N LYS A 120 -5.67 -29.53 11.14
CA LYS A 120 -7.05 -29.91 10.83
C LYS A 120 -7.63 -29.02 9.76
N HIS A 121 -7.44 -27.72 9.89
CA HIS A 121 -8.04 -26.75 8.98
C HIS A 121 -7.04 -26.16 8.00
N GLY A 122 -5.87 -26.79 7.85
CA GLY A 122 -4.88 -26.32 6.89
C GLY A 122 -4.51 -24.86 7.06
N VAL A 123 -4.36 -24.43 8.31
CA VAL A 123 -4.08 -23.02 8.59
C VAL A 123 -2.59 -22.80 8.39
N CYS A 124 -2.24 -21.94 7.44
CA CYS A 124 -0.85 -21.60 7.19
C CYS A 124 -0.58 -20.25 7.83
N ILE A 125 0.03 -20.27 9.00
CA ILE A 125 0.39 -19.05 9.72
C ILE A 125 1.72 -18.55 9.16
N ARG A 126 1.73 -17.31 8.68
CA ARG A 126 2.93 -16.70 8.11
C ARG A 126 3.11 -15.34 8.74
N VAL A 127 4.08 -15.21 9.63
CA VAL A 127 4.37 -13.93 10.27
C VAL A 127 5.35 -13.15 9.41
N LEU A 128 4.99 -11.92 9.07
CA LEU A 128 5.70 -11.08 8.11
C LEU A 128 6.16 -9.79 8.80
N GLY A 129 7.45 -9.47 8.66
CA GLY A 129 7.98 -8.26 9.23
C GLY A 129 9.49 -8.34 9.34
N ASP A 130 10.06 -7.30 9.97
CA ASP A 130 11.49 -7.26 10.29
C ASP A 130 11.71 -7.93 11.66
N LEU A 131 11.54 -9.25 11.66
CA LEU A 131 11.45 -9.98 12.92
C LEU A 131 12.76 -9.98 13.70
N HIS A 132 13.86 -9.55 13.10
CA HIS A 132 15.11 -9.51 13.85
C HIS A 132 15.08 -8.49 14.98
N LEU A 133 14.06 -7.64 15.06
CA LEU A 133 13.91 -6.65 16.13
C LEU A 133 13.14 -7.18 17.34
N LEU A 134 12.65 -8.40 17.28
CA LEU A 134 11.83 -8.96 18.34
C LEU A 134 12.70 -9.68 19.35
N PRO A 135 12.20 -9.86 20.57
CA PRO A 135 12.89 -10.72 21.54
C PRO A 135 13.19 -12.08 20.95
N LEU A 136 14.42 -12.54 21.18
CA LEU A 136 14.87 -13.82 20.61
C LEU A 136 13.87 -14.94 20.89
N ASP A 137 13.38 -15.03 22.13
CA ASP A 137 12.34 -15.99 22.45
C ASP A 137 11.15 -15.86 21.48
N LEU A 138 10.67 -14.64 21.27
CA LEU A 138 9.49 -14.50 20.42
C LEU A 138 9.78 -14.91 18.99
N GLN A 139 10.99 -14.66 18.49
CA GLN A 139 11.31 -15.06 17.12
C GLN A 139 11.30 -16.58 16.97
N GLU A 140 11.81 -17.30 17.97
CA GLU A 140 11.81 -18.76 17.90
C GLU A 140 10.40 -19.33 17.93
N LEU A 141 9.52 -18.76 18.78
CA LEU A 141 8.12 -19.14 18.78
C LEU A 141 7.48 -18.87 17.44
N ILE A 142 7.72 -17.69 16.87
CA ILE A 142 7.18 -17.36 15.56
C ILE A 142 7.65 -18.38 14.53
N ALA A 143 8.97 -18.55 14.42
CA ALA A 143 9.53 -19.49 13.45
C ALA A 143 8.99 -20.89 13.66
N GLN A 144 8.96 -21.34 14.92
CA GLN A 144 8.38 -22.64 15.24
C GLN A 144 6.97 -22.75 14.68
N ALA A 145 6.13 -21.75 14.97
CA ALA A 145 4.77 -21.76 14.43
C ALA A 145 4.80 -21.76 12.91
N VAL A 146 5.49 -20.79 12.31
CA VAL A 146 5.52 -20.67 10.85
C VAL A 146 6.00 -21.97 10.21
N GLN A 147 6.98 -22.63 10.84
CA GLN A 147 7.56 -23.83 10.24
C GLN A 147 6.57 -24.99 10.25
N ALA A 148 5.80 -25.15 11.32
CA ALA A 148 4.82 -26.23 11.36
C ALA A 148 3.65 -25.97 10.42
N THR A 149 3.12 -24.74 10.41
CA THR A 149 1.96 -24.44 9.57
C THR A 149 2.31 -24.31 8.09
N LYS A 150 3.58 -24.25 7.73
CA LYS A 150 3.94 -24.35 6.33
C LYS A 150 3.46 -25.69 5.77
N ASN A 151 3.41 -25.77 4.43
CA ASN A 151 2.84 -26.91 3.69
C ASN A 151 1.34 -27.04 3.91
N TYR A 152 0.76 -26.19 4.76
CA TYR A 152 -0.69 -26.14 4.93
C TYR A 152 -1.28 -25.14 3.93
N ASN A 153 -2.39 -25.52 3.31
CA ASN A 153 -2.93 -24.73 2.21
C ASN A 153 -4.44 -24.55 2.23
N LYS A 154 -5.14 -25.00 3.28
CA LYS A 154 -6.59 -24.81 3.28
C LYS A 154 -6.97 -23.36 3.54
N CYS A 155 -6.09 -22.57 4.16
CA CYS A 155 -6.28 -21.13 4.30
C CYS A 155 -4.99 -20.53 4.82
N PHE A 156 -4.94 -19.19 4.80
CA PHE A 156 -3.70 -18.47 5.04
C PHE A 156 -3.97 -17.23 5.88
N LEU A 157 -3.17 -17.05 6.94
CA LEU A 157 -3.22 -15.86 7.77
C LEU A 157 -1.82 -15.27 7.88
N ASN A 158 -1.69 -13.98 7.57
CA ASN A 158 -0.42 -13.29 7.60
C ASN A 158 -0.43 -12.27 8.72
N VAL A 159 0.33 -12.55 9.79
CA VAL A 159 0.46 -11.64 10.92
C VAL A 159 1.63 -10.70 10.67
N CYS A 160 1.37 -9.41 10.65
CA CYS A 160 2.41 -8.39 10.43
C CYS A 160 2.90 -7.88 11.78
N PHE A 161 3.87 -8.57 12.35
CA PHE A 161 4.48 -8.18 13.62
C PHE A 161 5.82 -7.51 13.36
N ALA A 162 6.00 -6.33 13.93
CA ALA A 162 7.20 -5.51 13.72
C ALA A 162 7.42 -5.29 12.22
N TYR A 163 6.42 -4.66 11.60
CA TYR A 163 6.35 -4.44 10.16
C TYR A 163 6.07 -2.98 9.86
N THR A 164 6.72 -2.47 8.81
CA THR A 164 6.32 -1.25 8.10
C THR A 164 6.54 -1.48 6.61
N SER A 165 5.63 -0.94 5.79
CA SER A 165 5.70 -1.17 4.35
C SER A 165 7.00 -0.61 3.76
N ARG A 166 7.41 0.59 4.21
CA ARG A 166 8.67 1.15 3.74
C ARG A 166 9.83 0.21 4.03
N HIS A 167 9.85 -0.40 5.22
CA HIS A 167 10.92 -1.35 5.53
C HIS A 167 10.81 -2.59 4.64
N GLU A 168 9.59 -3.06 4.40
CA GLU A 168 9.40 -4.22 3.53
C GLU A 168 9.84 -3.91 2.10
N ILE A 169 9.49 -2.72 1.61
CA ILE A 169 9.93 -2.33 0.28
C ILE A 169 11.45 -2.21 0.23
N SER A 170 12.06 -1.63 1.26
CA SER A 170 13.50 -1.42 1.25
C SER A 170 14.25 -2.74 1.34
N ASN A 171 13.78 -3.66 2.18
CA ASN A 171 14.37 -4.99 2.23
C ASN A 171 14.28 -5.68 0.87
N ALA A 172 13.10 -5.62 0.24
CA ALA A 172 12.92 -6.17 -1.09
C ALA A 172 13.90 -5.56 -2.09
N VAL A 173 14.19 -4.27 -1.95
CA VAL A 173 15.22 -3.66 -2.78
C VAL A 173 16.58 -4.25 -2.45
N ARG A 174 16.87 -4.41 -1.15
CA ARG A 174 18.14 -5.02 -0.75
C ARG A 174 18.31 -6.41 -1.37
N GLU A 175 17.24 -7.21 -1.33
CA GLU A 175 17.32 -8.55 -1.91
C GLU A 175 17.68 -8.49 -3.39
N MET A 176 17.18 -7.47 -4.09
CA MET A 176 17.51 -7.33 -5.50
C MET A 176 18.93 -6.84 -5.70
N ALA A 177 19.40 -5.91 -4.86
CA ALA A 177 20.79 -5.48 -4.94
C ALA A 177 21.73 -6.61 -4.54
N TRP A 178 21.33 -7.41 -3.55
CA TRP A 178 22.08 -8.60 -3.21
C TRP A 178 22.27 -9.50 -4.42
N GLY A 179 21.17 -9.80 -5.13
CA GLY A 179 21.26 -10.61 -6.32
C GLY A 179 22.17 -10.02 -7.38
N VAL A 180 22.21 -8.70 -7.47
CA VAL A 180 23.19 -8.05 -8.35
C VAL A 180 24.60 -8.28 -7.82
N GLU A 181 24.80 -8.13 -6.51
CA GLU A 181 26.13 -8.29 -5.93
C GLU A 181 26.68 -9.69 -6.17
N GLN A 182 25.83 -10.71 -6.18
CA GLN A 182 26.25 -12.09 -6.36
C GLN A 182 26.26 -12.52 -7.82
N GLY A 183 25.99 -11.61 -8.75
CA GLY A 183 25.86 -11.97 -10.14
C GLY A 183 24.57 -12.68 -10.49
N LEU A 184 23.63 -12.78 -9.55
CA LEU A 184 22.35 -13.38 -9.84
C LEU A 184 21.41 -12.44 -10.61
N LEU A 185 21.68 -11.14 -10.58
CA LEU A 185 20.82 -10.16 -11.21
C LEU A 185 21.69 -9.07 -11.84
N ASP A 186 21.14 -8.43 -12.89
CA ASP A 186 21.69 -7.19 -13.39
C ASP A 186 20.76 -6.05 -13.01
N PRO A 187 21.27 -4.83 -12.84
CA PRO A 187 20.40 -3.70 -12.47
C PRO A 187 19.22 -3.53 -13.42
N SER A 188 19.39 -3.84 -14.71
CA SER A 188 18.32 -3.72 -15.69
C SER A 188 17.16 -4.68 -15.40
N ASP A 189 17.40 -5.76 -14.67
CA ASP A 189 16.34 -6.75 -14.43
C ASP A 189 15.36 -6.31 -13.37
N ILE A 190 15.76 -5.40 -12.48
CA ILE A 190 14.90 -4.95 -11.40
C ILE A 190 13.60 -4.40 -11.98
N SER A 191 12.49 -5.13 -11.78
CA SER A 191 11.20 -4.76 -12.32
C SER A 191 10.15 -4.73 -11.22
N GLU A 192 9.02 -4.08 -11.51
CA GLU A 192 7.92 -4.07 -10.55
C GLU A 192 7.50 -5.48 -10.19
N SER A 193 7.38 -6.35 -11.20
CA SER A 193 7.08 -7.75 -10.92
C SER A 193 8.17 -8.37 -10.05
N LEU A 194 9.44 -8.17 -10.43
CA LEU A 194 10.52 -8.72 -9.63
C LEU A 194 10.45 -8.20 -8.19
N LEU A 195 10.15 -6.91 -8.02
CA LEU A 195 10.05 -6.38 -6.67
C LEU A 195 8.91 -7.05 -5.92
N ASP A 196 7.80 -7.32 -6.61
CA ASP A 196 6.68 -8.02 -5.99
C ASP A 196 7.13 -9.35 -5.40
N LYS A 197 8.00 -10.06 -6.10
CA LYS A 197 8.43 -11.35 -5.61
C LYS A 197 9.49 -11.25 -4.51
N CYS A 198 9.84 -10.04 -4.08
CA CYS A 198 10.83 -9.84 -3.02
C CYS A 198 10.24 -9.33 -1.72
N LEU A 199 8.97 -8.91 -1.69
CA LEU A 199 8.41 -8.51 -0.41
C LEU A 199 8.06 -9.74 0.41
N TYR A 200 7.77 -9.50 1.69
CA TYR A 200 7.38 -10.58 2.58
C TYR A 200 6.11 -11.27 2.11
N THR A 201 5.27 -10.54 1.38
CA THR A 201 3.98 -11.06 0.94
C THR A 201 4.14 -11.74 -0.40
N ASN A 202 5.34 -12.22 -0.72
CA ASN A 202 5.57 -12.78 -2.05
C ASN A 202 4.67 -13.96 -2.34
N ARG A 203 4.21 -14.65 -1.29
CA ARG A 203 3.35 -15.80 -1.48
C ARG A 203 1.86 -15.44 -1.48
N SER A 204 1.51 -14.19 -1.14
CA SER A 204 0.14 -13.75 -0.96
C SER A 204 -0.28 -12.81 -2.09
N PRO A 205 -1.46 -13.02 -2.66
CA PRO A 205 -1.98 -12.08 -3.67
C PRO A 205 -2.30 -10.74 -3.03
N HIS A 206 -2.36 -9.72 -3.87
CA HIS A 206 -2.60 -8.37 -3.40
C HIS A 206 -4.01 -8.26 -2.82
N PRO A 207 -4.17 -7.68 -1.62
CA PRO A 207 -5.48 -7.69 -0.96
C PRO A 207 -6.55 -7.03 -1.81
N ASP A 208 -7.76 -7.60 -1.77
CA ASP A 208 -8.89 -6.99 -2.43
C ASP A 208 -9.42 -5.81 -1.64
N ILE A 209 -9.49 -5.95 -0.33
CA ILE A 209 -10.01 -4.92 0.55
C ILE A 209 -8.96 -4.60 1.60
N LEU A 210 -8.87 -3.34 1.96
CA LEU A 210 -8.06 -2.90 3.10
C LEU A 210 -9.01 -2.24 4.08
N ILE A 211 -9.16 -2.87 5.25
CA ILE A 211 -10.05 -2.40 6.31
C ILE A 211 -9.19 -1.85 7.45
N ARG A 212 -9.39 -0.57 7.78
CA ARG A 212 -8.87 0.02 9.01
C ARG A 212 -10.03 0.46 9.87
N THR A 213 -9.96 0.14 11.16
CA THR A 213 -11.00 0.50 12.12
C THR A 213 -10.60 1.77 12.84
N SER A 214 -11.37 2.13 13.87
CA SER A 214 -11.13 3.31 14.71
C SER A 214 -11.60 4.58 14.01
N GLY A 215 -11.60 4.58 12.67
CA GLY A 215 -12.01 5.74 11.90
C GLY A 215 -10.88 6.63 11.43
N GLU A 216 -9.62 6.24 11.64
CA GLU A 216 -8.53 6.98 11.05
C GLU A 216 -8.49 6.72 9.54
N VAL A 217 -8.21 7.78 8.78
CA VAL A 217 -8.17 7.68 7.32
C VAL A 217 -6.72 7.78 6.87
N ARG A 218 -5.88 6.88 7.36
CA ARG A 218 -4.48 6.79 7.00
C ARG A 218 -4.08 5.33 7.01
N LEU A 219 -3.09 4.99 6.17
CA LEU A 219 -2.63 3.61 6.05
C LEU A 219 -1.56 3.24 7.07
N SER A 220 -1.02 4.22 7.81
CA SER A 220 0.03 4.03 8.82
C SER A 220 1.06 2.99 8.37
N ASP A 221 1.60 3.20 7.16
CA ASP A 221 2.75 2.45 6.65
C ASP A 221 2.45 0.96 6.54
N PHE A 222 1.29 0.63 5.98
CA PHE A 222 0.82 -0.76 5.89
C PHE A 222 0.49 -1.09 4.45
N LEU A 223 1.20 -2.07 3.89
CA LEU A 223 0.93 -2.60 2.55
C LEU A 223 0.71 -1.48 1.53
N LEU A 224 1.53 -0.43 1.61
CA LEU A 224 1.42 0.67 0.67
C LEU A 224 1.55 0.19 -0.76
N TRP A 225 2.59 -0.60 -1.04
CA TRP A 225 2.76 -1.19 -2.36
C TRP A 225 1.57 -2.08 -2.71
N GLN A 226 1.12 -2.91 -1.76
CA GLN A 226 0.12 -3.91 -2.11
C GLN A 226 -1.28 -3.32 -2.27
N THR A 227 -1.66 -2.37 -1.40
CA THR A 227 -3.00 -1.81 -1.42
C THR A 227 -3.15 -0.63 -2.37
N SER A 228 -2.41 -0.62 -3.48
CA SER A 228 -2.48 0.51 -4.41
C SER A 228 -3.85 0.57 -5.09
N HIS A 229 -4.29 -0.54 -5.65
CA HIS A 229 -5.63 -0.65 -6.24
C HIS A 229 -6.56 -1.47 -5.37
N SER A 230 -6.39 -1.40 -4.06
CA SER A 230 -7.28 -2.10 -3.16
C SER A 230 -8.41 -1.19 -2.73
N CYS A 231 -9.58 -1.77 -2.46
CA CYS A 231 -10.70 -1.02 -1.93
C CYS A 231 -10.39 -0.62 -0.49
N LEU A 232 -10.34 0.69 -0.23
CA LEU A 232 -9.98 1.19 1.09
C LEU A 232 -11.25 1.43 1.89
N VAL A 233 -11.46 0.62 2.93
CA VAL A 233 -12.64 0.71 3.80
C VAL A 233 -12.17 1.23 5.15
N PHE A 234 -12.70 2.38 5.56
CA PHE A 234 -12.36 3.01 6.83
C PHE A 234 -13.62 3.06 7.67
N GLN A 235 -13.67 2.23 8.71
CA GLN A 235 -14.87 2.18 9.52
C GLN A 235 -14.64 2.78 10.90
N PRO A 236 -15.60 3.54 11.43
CA PRO A 236 -15.39 4.22 12.72
C PRO A 236 -15.31 3.27 13.90
N VAL A 237 -15.82 2.05 13.77
CA VAL A 237 -15.88 1.14 14.90
C VAL A 237 -14.48 0.86 15.44
N LEU A 238 -14.36 0.85 16.77
CA LEU A 238 -13.11 0.45 17.41
C LEU A 238 -12.91 -1.05 17.27
N TRP A 239 -11.70 -1.46 16.89
CA TRP A 239 -11.43 -2.85 16.51
C TRP A 239 -12.01 -3.89 17.47
N PRO A 240 -11.76 -3.84 18.78
CA PRO A 240 -12.29 -4.90 19.66
C PRO A 240 -13.82 -4.95 19.71
N GLU A 241 -14.50 -4.04 19.02
CA GLU A 241 -15.95 -4.06 18.90
C GLU A 241 -16.41 -4.43 17.50
N TYR A 242 -15.51 -5.00 16.69
CA TYR A 242 -15.85 -5.30 15.31
C TYR A 242 -16.91 -6.39 15.25
N THR A 243 -17.88 -6.21 14.38
CA THR A 243 -18.98 -7.14 14.22
C THR A 243 -18.96 -7.74 12.83
N PHE A 244 -19.61 -8.90 12.70
CA PHE A 244 -19.78 -9.51 11.39
C PHE A 244 -20.31 -8.51 10.38
N TRP A 245 -21.30 -7.71 10.78
CA TRP A 245 -21.92 -6.75 9.87
C TRP A 245 -20.96 -5.66 9.45
N ASN A 246 -20.04 -5.27 10.34
CA ASN A 246 -18.95 -4.39 9.93
C ASN A 246 -18.19 -4.99 8.77
N LEU A 247 -17.78 -6.26 8.91
CA LEU A 247 -17.11 -6.93 7.81
C LEU A 247 -18.02 -7.03 6.58
N PHE A 248 -19.30 -7.33 6.81
CA PHE A 248 -20.28 -7.37 5.73
C PHE A 248 -20.30 -6.07 4.96
N GLU A 249 -20.42 -4.95 5.67
CA GLU A 249 -20.44 -3.65 5.01
C GLU A 249 -19.17 -3.43 4.19
N ALA A 250 -18.03 -3.88 4.71
CA ALA A 250 -16.77 -3.75 3.97
C ALA A 250 -16.82 -4.54 2.68
N ILE A 251 -17.32 -5.78 2.74
CA ILE A 251 -17.47 -6.58 1.53
C ILE A 251 -18.47 -5.93 0.59
N LEU A 252 -19.45 -5.21 1.13
CA LEU A 252 -20.38 -4.51 0.26
C LEU A 252 -19.66 -3.42 -0.52
N GLN A 253 -18.93 -2.55 0.19
CA GLN A 253 -18.18 -1.49 -0.48
C GLN A 253 -17.27 -2.05 -1.56
N PHE A 254 -16.70 -3.24 -1.34
CA PHE A 254 -15.89 -3.88 -2.37
C PHE A 254 -16.72 -4.25 -3.59
N GLN A 255 -17.90 -4.85 -3.38
CA GLN A 255 -18.70 -5.28 -4.52
C GLN A 255 -19.18 -4.10 -5.34
N MET A 256 -19.47 -2.98 -4.69
CA MET A 256 -19.87 -1.78 -5.40
C MET A 256 -18.83 -1.36 -6.43
N ASN A 257 -17.57 -1.26 -6.00
CA ASN A 257 -16.49 -0.75 -6.85
C ASN A 257 -15.79 -1.82 -7.65
N HIS A 258 -16.17 -3.10 -7.50
CA HIS A 258 -15.36 -4.16 -8.07
C HIS A 258 -15.26 -4.03 -9.58
N SER A 259 -16.36 -3.65 -10.23
CA SER A 259 -16.33 -3.46 -11.68
C SER A 259 -15.24 -2.47 -12.09
N VAL A 260 -15.26 -1.27 -11.49
CA VAL A 260 -14.33 -0.23 -11.88
C VAL A 260 -12.95 -0.51 -11.30
N LEU A 261 -12.88 -1.07 -10.09
CA LEU A 261 -11.58 -1.48 -9.55
C LEU A 261 -10.88 -2.47 -10.47
N GLN A 262 -11.59 -3.50 -10.91
CA GLN A 262 -10.97 -4.52 -11.73
C GLN A 262 -10.60 -3.99 -13.11
N LYS A 263 -11.43 -3.11 -13.66
CA LYS A 263 -11.09 -2.46 -14.93
C LYS A 263 -9.78 -1.68 -14.80
N ALA A 264 -9.66 -0.88 -13.74
CA ALA A 264 -8.44 -0.09 -13.53
C ALA A 264 -7.24 -1.00 -13.34
N ARG A 265 -7.41 -2.11 -12.60
CA ARG A 265 -6.31 -3.05 -12.41
C ARG A 265 -5.83 -3.61 -13.73
N ASP A 266 -6.75 -4.14 -14.54
CA ASP A 266 -6.37 -4.73 -15.82
C ASP A 266 -5.71 -3.69 -16.74
N MET A 267 -6.20 -2.45 -16.72
CA MET A 267 -5.62 -1.42 -17.56
C MET A 267 -4.21 -1.07 -17.13
N TYR A 268 -4.01 -0.92 -15.81
CA TYR A 268 -2.66 -0.70 -15.29
C TYR A 268 -1.73 -1.82 -15.74
N ALA A 269 -2.18 -3.07 -15.62
CA ALA A 269 -1.36 -4.20 -16.03
C ALA A 269 -1.10 -4.18 -17.53
N GLU A 270 -2.16 -3.98 -18.33
CA GLU A 270 -1.97 -3.95 -19.78
C GLU A 270 -1.06 -2.79 -20.18
N GLU A 271 -1.20 -1.64 -19.51
CA GLU A 271 -0.35 -0.50 -19.82
C GLU A 271 1.10 -0.79 -19.42
N ARG A 272 1.31 -1.38 -18.24
CA ARG A 272 2.65 -1.70 -17.78
C ARG A 272 3.37 -2.62 -18.75
N LYS A 273 2.66 -3.64 -19.26
CA LYS A 273 3.26 -4.57 -20.21
C LYS A 273 3.64 -3.85 -21.50
N ARG A 274 2.72 -3.04 -22.04
CA ARG A 274 3.00 -2.28 -23.25
C ARG A 274 4.22 -1.38 -23.07
N GLN A 275 4.31 -0.71 -21.91
CA GLN A 275 5.42 0.19 -21.66
C GLN A 275 6.76 -0.55 -21.67
N GLN A 276 6.81 -1.73 -21.04
CA GLN A 276 8.05 -2.50 -21.08
C GLN A 276 8.37 -2.96 -22.49
N LEU A 277 7.37 -3.52 -23.19
CA LEU A 277 7.60 -3.99 -24.55
C LEU A 277 8.10 -2.87 -25.45
N GLU A 278 7.62 -1.65 -25.24
CA GLU A 278 8.16 -0.49 -25.96
C GLU A 278 9.58 -0.19 -25.51
N ARG A 279 9.83 -0.23 -24.19
CA ARG A 279 11.17 0.04 -23.69
C ARG A 279 12.15 -1.04 -24.13
N ASP A 280 11.69 -2.29 -24.19
CA ASP A 280 12.54 -3.39 -24.62
C ASP A 280 12.84 -3.31 -26.11
N GLN A 281 11.81 -3.04 -26.92
CA GLN A 281 12.03 -2.89 -28.34
C GLN A 281 13.01 -1.77 -28.63
N ALA A 282 13.00 -0.72 -27.81
CA ALA A 282 13.95 0.37 -27.97
C ALA A 282 15.37 -0.08 -27.63
N THR A 283 15.52 -0.86 -26.56
CA THR A 283 16.83 -1.40 -26.22
C THR A 283 17.35 -2.31 -27.33
N VAL A 284 16.48 -3.16 -27.87
CA VAL A 284 16.88 -4.00 -29.00
C VAL A 284 17.17 -3.15 -30.22
N THR A 285 16.40 -2.06 -30.41
CA THR A 285 16.65 -1.17 -31.54
C THR A 285 17.98 -0.44 -31.38
N GLU A 286 18.29 0.03 -30.15
CA GLU A 286 19.55 0.72 -29.92
C GLU A 286 20.74 -0.19 -30.15
N GLN A 287 20.62 -1.47 -29.79
CA GLN A 287 21.69 -2.41 -30.05
C GLN A 287 21.79 -2.74 -31.54
N LEU A 288 20.65 -2.84 -32.23
CA LEU A 288 20.64 -3.15 -33.65
C LEU A 288 20.98 -1.93 -34.49
N LEU A 289 20.65 -0.72 -34.03
CA LEU A 289 21.09 0.48 -34.74
C LEU A 289 22.61 0.62 -34.68
N ARG A 290 23.18 0.42 -33.49
CA ARG A 290 24.62 0.19 -33.39
C ARG A 290 24.96 -1.19 -33.96
N GLU A 291 26.25 -1.50 -33.98
CA GLU A 291 26.76 -2.73 -34.61
C GLU A 291 26.28 -2.86 -36.06
N GLY A 292 26.17 -1.72 -36.75
CA GLY A 292 25.67 -1.70 -38.12
C GLY A 292 24.27 -2.27 -38.22
N LEU A 293 24.15 -3.43 -38.87
CA LEU A 293 22.91 -4.20 -38.94
C LEU A 293 21.79 -3.46 -39.64
N GLN A 294 20.58 -4.00 -39.56
CA GLN A 294 19.40 -3.40 -40.16
C GLN A 294 18.26 -3.52 -39.17
N ALA A 295 17.50 -2.43 -39.02
CA ALA A 295 16.46 -2.38 -37.99
C ALA A 295 15.44 -3.50 -38.18
N SER A 296 15.05 -3.77 -39.42
CA SER A 296 14.10 -4.85 -39.68
C SER A 296 14.66 -5.84 -40.71
N GLY A 297 14.12 -5.80 -41.92
CA GLY A 297 14.40 -6.84 -42.90
C GLY A 297 13.58 -8.10 -42.67
N ASP A 298 13.87 -9.12 -43.47
CA ASP A 298 13.23 -10.43 -43.31
C ASP A 298 13.96 -11.37 -42.36
N ALA A 299 15.24 -11.16 -42.09
CA ALA A 299 15.87 -11.94 -41.03
C ALA A 299 15.07 -11.91 -39.71
N GLN A 300 14.05 -11.03 -39.56
CA GLN A 300 13.30 -10.91 -38.31
C GLN A 300 14.23 -10.78 -37.11
N LEU A 301 15.40 -10.19 -37.35
CA LEU A 301 16.48 -10.18 -36.36
C LEU A 301 16.04 -9.50 -35.07
N ARG A 302 15.34 -8.37 -35.18
CA ARG A 302 14.81 -7.71 -33.99
C ARG A 302 13.83 -8.63 -33.26
N ARG A 303 12.97 -9.33 -34.00
CA ARG A 303 11.99 -10.20 -33.37
C ARG A 303 12.66 -11.37 -32.66
N THR A 304 13.66 -11.98 -33.29
CA THR A 304 14.40 -13.07 -32.64
C THR A 304 15.19 -12.57 -31.44
N ARG A 305 15.88 -11.43 -31.60
CA ARG A 305 16.64 -10.86 -30.48
C ARG A 305 15.73 -10.55 -29.30
N LEU A 306 14.50 -10.10 -29.58
CA LEU A 306 13.56 -9.78 -28.50
C LEU A 306 13.18 -11.04 -27.73
N HIS A 307 12.83 -12.11 -28.45
CA HIS A 307 12.44 -13.36 -27.79
C HIS A 307 13.54 -13.88 -26.88
N LYS A 308 14.80 -13.72 -27.29
CA LYS A 308 15.92 -14.15 -26.46
C LYS A 308 16.06 -13.28 -25.22
N LEU A 309 16.02 -11.95 -25.40
CA LEU A 309 16.16 -11.04 -24.27
C LEU A 309 15.13 -11.35 -23.18
N SER A 310 13.90 -11.68 -23.57
CA SER A 310 12.89 -12.05 -22.59
C SER A 310 13.22 -13.39 -21.93
N ALA A 311 13.59 -14.39 -22.74
CA ALA A 311 13.91 -15.70 -22.19
C ALA A 311 15.13 -15.64 -21.28
N ARG A 312 16.13 -14.84 -21.66
CA ARG A 312 17.27 -14.65 -20.77
C ARG A 312 16.91 -13.76 -19.59
N ARG A 313 15.96 -12.85 -19.77
CA ARG A 313 15.49 -12.06 -18.64
C ARG A 313 14.93 -12.94 -17.55
N GLU A 314 14.04 -13.87 -17.91
CA GLU A 314 13.45 -14.75 -16.91
C GLU A 314 14.51 -15.65 -16.27
N GLU A 315 15.46 -16.13 -17.07
CA GLU A 315 16.50 -17.04 -16.58
C GLU A 315 17.22 -16.45 -15.37
N ARG A 316 17.75 -15.24 -15.51
CA ARG A 316 18.40 -14.57 -14.39
C ARG A 316 17.41 -14.31 -13.26
N VAL A 317 16.19 -13.88 -13.59
CA VAL A 317 15.21 -13.54 -12.56
C VAL A 317 14.72 -14.81 -11.87
N GLN A 318 14.31 -15.81 -12.67
CA GLN A 318 13.78 -17.05 -12.09
C GLN A 318 14.85 -17.78 -11.30
N GLY A 319 16.10 -17.73 -11.76
CA GLY A 319 17.19 -18.28 -10.98
C GLY A 319 17.42 -17.52 -9.69
N PHE A 320 17.42 -16.19 -9.77
CA PHE A 320 17.58 -15.37 -8.57
C PHE A 320 16.52 -15.72 -7.53
N LEU A 321 15.26 -15.87 -7.96
CA LEU A 321 14.18 -16.14 -7.02
C LEU A 321 14.40 -17.45 -6.27
N GLN A 322 15.00 -18.44 -6.92
CA GLN A 322 15.25 -19.72 -6.26
C GLN A 322 16.23 -19.55 -5.10
N ALA A 323 17.25 -18.70 -5.27
CA ALA A 323 18.22 -18.47 -4.20
C ALA A 323 17.62 -17.65 -3.07
N LEU A 324 16.79 -16.65 -3.41
CA LEU A 324 16.11 -15.89 -2.37
C LEU A 324 15.27 -16.80 -1.49
N GLU A 325 14.54 -17.73 -2.10
CA GLU A 325 13.69 -18.62 -1.33
C GLU A 325 14.52 -19.61 -0.52
N LEU A 326 15.63 -20.08 -1.09
CA LEU A 326 16.53 -20.96 -0.33
C LEU A 326 17.12 -20.22 0.86
N LYS A 327 17.56 -18.97 0.65
CA LYS A 327 18.01 -18.16 1.77
C LYS A 327 16.87 -17.94 2.76
N ARG A 328 15.65 -17.74 2.25
CA ARG A 328 14.48 -17.58 3.13
C ARG A 328 14.19 -18.86 3.90
N ALA A 329 14.07 -19.99 3.18
CA ALA A 329 13.82 -21.27 3.83
C ALA A 329 14.97 -21.70 4.74
N ASP A 330 16.11 -21.02 4.68
CA ASP A 330 17.22 -21.29 5.58
C ASP A 330 16.91 -20.72 6.96
N TRP A 331 15.74 -21.04 7.49
CA TRP A 331 15.40 -20.64 8.85
C TRP A 331 15.24 -21.84 9.76
N LEU A 332 16.34 -22.57 9.96
CA LEU A 332 16.44 -23.58 11.00
C LEU A 332 16.39 -22.96 12.43
N ALA A 333 16.02 -21.68 12.52
CA ALA A 333 15.82 -21.00 13.79
C ALA A 333 14.64 -21.56 14.60
N ARG A 334 13.82 -22.42 14.00
CA ARG A 334 12.73 -23.08 14.72
C ARG A 334 13.25 -23.98 15.84
N HIS B 11 -7.26 41.82 -0.89
CA HIS B 11 -8.68 41.77 -0.62
C HIS B 11 -9.11 40.34 -0.34
N HIS B 12 -9.81 39.73 -1.30
CA HIS B 12 -10.22 38.34 -1.16
C HIS B 12 -9.03 37.43 -0.91
N ARG B 13 -7.84 37.84 -1.35
CA ARG B 13 -6.63 37.08 -1.06
C ARG B 13 -6.38 36.98 0.44
N MET B 14 -6.57 38.09 1.16
CA MET B 14 -6.36 38.06 2.61
C MET B 14 -7.38 37.18 3.31
N ARG B 15 -8.65 37.24 2.86
CA ARG B 15 -9.69 36.42 3.46
C ARG B 15 -9.38 34.94 3.34
N TRP B 16 -8.93 34.51 2.16
CA TRP B 16 -8.56 33.10 1.99
C TRP B 16 -7.31 32.76 2.80
N ARG B 17 -6.36 33.69 2.91
CA ARG B 17 -5.20 33.45 3.75
C ARG B 17 -5.61 33.34 5.22
N ALA B 18 -6.57 34.15 5.65
CA ALA B 18 -7.05 34.06 7.03
C ALA B 18 -7.77 32.73 7.27
N ASP B 19 -8.55 32.27 6.29
CA ASP B 19 -9.25 31.00 6.43
C ASP B 19 -8.27 29.87 6.70
N GLY B 20 -7.21 29.79 5.90
CA GLY B 20 -6.21 28.74 6.11
C GLY B 20 -5.45 28.91 7.42
N ARG B 21 -5.18 30.16 7.80
CA ARG B 21 -4.44 30.40 9.04
C ARG B 21 -5.24 29.98 10.26
N SER B 22 -6.57 30.06 10.20
CA SER B 22 -7.39 29.72 11.36
C SER B 22 -7.45 28.22 11.59
N LEU B 23 -7.27 27.41 10.56
CA LEU B 23 -7.31 25.97 10.73
C LEU B 23 -6.19 25.51 11.64
N GLU B 24 -6.51 24.55 12.52
CA GLU B 24 -5.51 24.01 13.44
C GLU B 24 -4.30 23.42 12.72
N LYS B 25 -4.45 23.07 11.45
CA LYS B 25 -3.38 22.51 10.67
C LYS B 25 -3.70 22.67 9.19
N LEU B 26 -2.65 22.91 8.40
CA LEU B 26 -2.75 23.01 6.96
C LEU B 26 -1.79 22.02 6.33
N PRO B 27 -2.18 21.33 5.27
CA PRO B 27 -1.24 20.42 4.59
C PRO B 27 -0.16 21.22 3.87
N VAL B 28 1.09 20.81 4.06
CA VAL B 28 2.15 21.44 3.28
C VAL B 28 2.11 20.95 1.85
N HIS B 29 1.74 19.69 1.64
CA HIS B 29 1.64 19.11 0.32
C HIS B 29 0.24 18.52 0.16
N MET B 30 -0.45 18.97 -0.86
CA MET B 30 -1.82 18.55 -1.11
C MET B 30 -1.86 17.57 -2.28
N GLY B 31 -2.71 16.54 -2.16
CA GLY B 31 -2.86 15.59 -3.24
C GLY B 31 -4.29 15.50 -3.75
N LEU B 32 -4.48 15.72 -5.04
CA LEU B 32 -5.79 15.72 -5.68
C LEU B 32 -5.86 14.49 -6.57
N VAL B 33 -6.57 13.48 -6.12
CA VAL B 33 -6.65 12.21 -6.83
C VAL B 33 -8.06 12.09 -7.41
N ILE B 34 -8.14 12.07 -8.74
CA ILE B 34 -9.42 11.93 -9.42
C ILE B 34 -9.53 10.49 -9.87
N THR B 35 -10.48 9.78 -9.26
CA THR B 35 -10.80 8.43 -9.66
C THR B 35 -11.88 8.38 -10.73
N GLU B 36 -12.58 9.49 -10.94
CA GLU B 36 -13.68 9.53 -11.90
C GLU B 36 -13.17 9.33 -13.31
N VAL B 37 -13.83 8.45 -14.06
CA VAL B 37 -13.39 8.12 -15.41
C VAL B 37 -14.59 7.95 -16.33
N GLU B 38 -15.77 8.33 -15.85
CA GLU B 38 -16.96 8.31 -16.70
C GLU B 38 -16.83 9.30 -17.84
N GLN B 39 -16.24 10.47 -17.57
CA GLN B 39 -16.00 11.47 -18.59
C GLN B 39 -14.64 12.11 -18.35
N GLU B 40 -14.20 12.90 -19.31
CA GLU B 40 -12.96 13.63 -19.17
C GLU B 40 -13.04 14.54 -17.95
N PRO B 41 -11.96 14.70 -17.20
CA PRO B 41 -11.98 15.60 -16.04
C PRO B 41 -12.25 17.05 -16.43
N SER B 42 -12.70 17.83 -15.45
CA SER B 42 -13.01 19.24 -15.66
C SER B 42 -11.77 20.05 -15.26
N PHE B 43 -11.05 20.57 -16.27
CA PHE B 43 -9.83 21.29 -15.98
C PHE B 43 -10.11 22.55 -15.18
N SER B 44 -11.26 23.18 -15.41
CA SER B 44 -11.64 24.37 -14.65
C SER B 44 -11.82 24.04 -13.17
N ASP B 45 -12.64 23.02 -12.87
CA ASP B 45 -12.83 22.62 -11.48
C ASP B 45 -11.52 22.22 -10.84
N ILE B 46 -10.67 21.51 -11.59
CA ILE B 46 -9.36 21.16 -11.06
C ILE B 46 -8.58 22.42 -10.73
N ALA B 47 -8.36 23.27 -11.74
CA ALA B 47 -7.63 24.51 -11.52
C ALA B 47 -8.21 25.32 -10.37
N SER B 48 -9.55 25.36 -10.26
CA SER B 48 -10.18 26.12 -9.19
C SER B 48 -9.78 25.59 -7.81
N LEU B 49 -9.70 24.26 -7.66
CA LEU B 49 -9.18 23.70 -6.41
C LEU B 49 -7.73 24.14 -6.19
N VAL B 50 -6.91 24.12 -7.24
CA VAL B 50 -5.48 24.37 -7.08
C VAL B 50 -5.25 25.76 -6.49
N VAL B 51 -5.84 26.78 -7.11
CA VAL B 51 -5.64 28.15 -6.64
C VAL B 51 -6.17 28.32 -5.22
N TRP B 52 -7.29 27.65 -4.90
CA TRP B 52 -7.77 27.64 -3.52
C TRP B 52 -6.68 27.16 -2.58
N CYS B 53 -6.02 26.05 -2.92
CA CYS B 53 -4.93 25.56 -2.08
C CYS B 53 -3.87 26.63 -1.91
N MET B 54 -3.49 27.28 -3.02
CA MET B 54 -2.45 28.30 -2.95
C MET B 54 -2.88 29.45 -2.05
N ALA B 55 -4.16 29.84 -2.11
CA ALA B 55 -4.62 30.99 -1.34
C ALA B 55 -4.69 30.69 0.15
N VAL B 56 -5.28 29.54 0.51
CA VAL B 56 -5.36 29.17 1.92
C VAL B 56 -3.96 28.96 2.49
N GLY B 57 -2.98 28.69 1.65
CA GLY B 57 -1.60 28.59 2.10
C GLY B 57 -0.98 27.21 1.94
N ILE B 58 -1.49 26.38 1.04
CA ILE B 58 -0.89 25.08 0.79
C ILE B 58 0.33 25.29 -0.10
N SER B 59 1.46 24.75 0.31
CA SER B 59 2.70 25.08 -0.37
C SER B 59 2.88 24.29 -1.66
N TYR B 60 2.42 23.04 -1.70
CA TYR B 60 2.58 22.17 -2.85
C TYR B 60 1.26 21.47 -3.13
N ILE B 61 0.93 21.33 -4.42
CA ILE B 61 -0.30 20.69 -4.85
C ILE B 61 0.02 19.72 -5.97
N SER B 62 -0.37 18.45 -5.80
CA SER B 62 -0.10 17.40 -6.77
C SER B 62 -1.40 16.89 -7.35
N VAL B 63 -1.49 16.87 -8.68
CA VAL B 63 -2.68 16.44 -9.40
C VAL B 63 -2.43 15.06 -9.98
N TYR B 64 -3.37 14.14 -9.80
CA TYR B 64 -3.17 12.75 -10.18
C TYR B 64 -4.43 12.13 -10.77
N ASP B 65 -4.25 11.37 -11.84
CA ASP B 65 -5.32 10.56 -12.41
C ASP B 65 -4.73 9.27 -12.98
N HIS B 66 -5.53 8.19 -12.97
CA HIS B 66 -5.01 6.88 -13.34
C HIS B 66 -4.78 6.76 -14.84
N GLN B 67 -5.58 7.44 -15.66
CA GLN B 67 -5.41 7.40 -17.11
C GLN B 67 -4.25 8.26 -17.61
N GLY B 68 -3.73 9.15 -16.76
CA GLY B 68 -2.71 10.08 -17.18
C GLY B 68 -3.22 11.23 -18.02
N ILE B 69 -4.52 11.50 -18.00
CA ILE B 69 -5.09 12.56 -18.83
C ILE B 69 -4.45 13.90 -18.50
N PHE B 70 -4.19 14.15 -17.22
CA PHE B 70 -3.58 15.42 -16.82
C PHE B 70 -2.16 15.53 -17.34
N LYS B 71 -1.38 14.47 -17.19
CA LYS B 71 -0.01 14.47 -17.71
C LYS B 71 0.00 14.73 -19.21
N ARG B 72 -0.96 14.14 -19.94
CA ARG B 72 -1.09 14.44 -21.37
C ARG B 72 -1.39 15.92 -21.59
N ASN B 73 -2.51 16.40 -21.05
CA ASN B 73 -2.91 17.79 -21.23
C ASN B 73 -2.43 18.61 -20.03
N ASN B 74 -1.11 18.74 -19.92
CA ASN B 74 -0.55 19.54 -18.84
C ASN B 74 -0.82 21.01 -19.06
N SER B 75 -0.48 21.53 -20.26
CA SER B 75 -0.57 22.97 -20.50
C SER B 75 -2.01 23.46 -20.38
N ARG B 76 -2.97 22.64 -20.84
CA ARG B 76 -4.39 22.98 -20.70
C ARG B 76 -4.76 23.23 -19.24
N LEU B 77 -4.17 22.48 -18.32
CA LEU B 77 -4.42 22.75 -16.91
C LEU B 77 -3.67 24.00 -16.47
N MET B 78 -2.36 24.06 -16.72
CA MET B 78 -1.57 25.19 -16.27
C MET B 78 -2.14 26.50 -16.80
N ASP B 79 -2.60 26.49 -18.05
CA ASP B 79 -3.31 27.65 -18.60
C ASP B 79 -4.54 27.97 -17.77
N GLU B 80 -5.38 26.96 -17.53
CA GLU B 80 -6.60 27.18 -16.75
C GLU B 80 -6.25 27.71 -15.35
N ILE B 81 -5.19 27.16 -14.75
CA ILE B 81 -4.74 27.65 -13.45
C ILE B 81 -4.42 29.14 -13.53
N LEU B 82 -3.57 29.54 -14.47
CA LEU B 82 -3.21 30.95 -14.57
C LEU B 82 -4.44 31.82 -14.80
N LYS B 83 -5.45 31.31 -15.51
CA LYS B 83 -6.68 32.06 -15.71
C LYS B 83 -7.34 32.39 -14.39
N GLN B 84 -7.70 31.36 -13.62
CA GLN B 84 -8.24 31.58 -12.29
C GLN B 84 -7.23 32.29 -11.39
N GLN B 85 -5.94 31.93 -11.54
CA GLN B 85 -4.92 32.49 -10.67
C GLN B 85 -4.90 34.02 -10.72
N GLN B 86 -5.31 34.61 -11.84
CA GLN B 86 -5.42 36.06 -11.94
C GLN B 86 -6.86 36.52 -11.79
N GLU B 87 -7.76 36.02 -12.65
CA GLU B 87 -9.17 36.41 -12.61
C GLU B 87 -9.79 35.93 -11.31
N LEU B 88 -10.17 36.87 -10.44
CA LEU B 88 -10.75 36.60 -9.13
C LEU B 88 -9.78 35.80 -8.25
N LEU B 89 -8.60 36.37 -8.07
CA LEU B 89 -7.56 35.80 -7.20
C LEU B 89 -6.44 36.82 -6.97
N VAL B 101 3.98 31.11 -14.60
CA VAL B 101 5.41 30.91 -14.78
C VAL B 101 5.91 29.84 -13.83
N LEU B 102 7.19 29.93 -13.46
CA LEU B 102 7.77 28.97 -12.52
C LEU B 102 7.10 29.02 -11.16
N ASN B 103 6.22 29.99 -10.92
CA ASN B 103 5.57 30.14 -9.62
C ASN B 103 4.63 28.97 -9.32
N CYS B 104 3.89 28.50 -10.31
CA CYS B 104 2.99 27.35 -10.13
C CYS B 104 3.60 26.04 -10.62
N HIS B 105 4.48 26.09 -11.62
CA HIS B 105 5.15 24.88 -12.09
C HIS B 105 5.94 24.19 -10.98
N LEU B 106 6.35 24.95 -9.95
CA LEU B 106 7.04 24.37 -8.81
C LEU B 106 6.05 23.67 -7.87
N ALA B 107 5.07 24.41 -7.36
CA ALA B 107 4.15 23.85 -6.38
C ALA B 107 3.20 22.85 -7.02
N VAL B 108 2.73 23.16 -8.22
CA VAL B 108 1.83 22.26 -8.94
C VAL B 108 2.66 21.24 -9.69
N LYS B 109 2.48 19.96 -9.35
CA LYS B 109 3.11 18.86 -10.08
C LYS B 109 2.02 17.92 -10.53
N VAL B 110 1.91 17.72 -11.83
CA VAL B 110 0.96 16.77 -12.40
C VAL B 110 1.60 15.39 -12.43
N LEU B 111 0.90 14.40 -11.89
CA LEU B 111 1.45 13.07 -11.72
C LEU B 111 0.62 12.03 -12.48
N SER B 112 1.19 10.85 -12.55
CA SER B 112 0.63 9.70 -13.26
C SER B 112 1.00 8.46 -12.49
N PRO B 113 0.43 7.29 -12.82
CA PRO B 113 0.83 6.07 -12.14
C PRO B 113 2.33 5.80 -12.07
N GLU B 114 3.11 6.09 -13.12
CA GLU B 114 4.52 5.72 -13.03
C GLU B 114 5.30 6.62 -12.08
N ASP B 115 4.72 7.72 -11.62
CA ASP B 115 5.39 8.50 -10.59
C ASP B 115 5.46 7.78 -9.25
N GLY B 116 4.86 6.61 -9.13
CA GLY B 116 4.88 5.86 -7.90
C GLY B 116 5.69 4.59 -8.01
N LYS B 117 5.01 3.46 -8.22
CA LYS B 117 5.71 2.18 -8.24
C LYS B 117 6.82 2.15 -9.28
N ALA B 118 6.56 2.67 -10.48
CA ALA B 118 7.60 2.66 -11.50
C ALA B 118 8.82 3.46 -11.06
N ASP B 119 8.60 4.57 -10.36
CA ASP B 119 9.72 5.36 -9.86
C ASP B 119 10.46 4.63 -8.75
N ILE B 120 9.73 3.89 -7.91
CA ILE B 120 10.40 3.06 -6.90
C ILE B 120 11.28 2.03 -7.58
N VAL B 121 10.83 1.47 -8.71
CA VAL B 121 11.64 0.52 -9.47
C VAL B 121 12.89 1.20 -9.99
N ARG B 122 12.72 2.41 -10.54
CA ARG B 122 13.86 3.20 -11.00
C ARG B 122 14.91 3.32 -9.91
N ALA B 123 14.49 3.71 -8.70
CA ALA B 123 15.43 3.89 -7.60
C ALA B 123 16.18 2.60 -7.30
N ALA B 124 15.48 1.47 -7.33
CA ALA B 124 16.17 0.19 -7.15
C ALA B 124 17.19 -0.02 -8.25
N GLN B 125 16.79 0.23 -9.51
CA GLN B 125 17.72 0.06 -10.62
C GLN B 125 18.97 0.92 -10.45
N ASP B 126 18.83 2.10 -9.83
CA ASP B 126 19.99 2.96 -9.60
C ASP B 126 20.87 2.39 -8.48
N PHE B 127 20.26 2.02 -7.35
CA PHE B 127 21.05 1.51 -6.23
C PHE B 127 21.67 0.16 -6.56
N CYS B 128 20.91 -0.73 -7.22
CA CYS B 128 21.48 -1.97 -7.71
C CYS B 128 22.70 -1.71 -8.60
N GLN B 129 22.70 -0.58 -9.31
CA GLN B 129 23.83 -0.23 -10.17
C GLN B 129 25.01 0.28 -9.34
N LEU B 130 24.75 1.18 -8.38
CA LEU B 130 25.82 1.65 -7.51
C LEU B 130 26.38 0.51 -6.66
N VAL B 131 25.53 -0.43 -6.23
CA VAL B 131 26.02 -1.65 -5.61
C VAL B 131 26.93 -2.40 -6.59
N ALA B 132 26.43 -2.60 -7.82
CA ALA B 132 27.22 -3.32 -8.81
C ALA B 132 28.51 -2.57 -9.16
N GLN B 133 28.53 -1.25 -8.97
CA GLN B 133 29.73 -0.48 -9.22
C GLN B 133 30.73 -0.56 -8.07
N LYS B 134 30.44 -1.34 -7.03
CA LYS B 134 31.21 -1.45 -5.80
C LYS B 134 31.29 -0.12 -5.06
N GLN B 135 30.50 0.87 -5.49
CA GLN B 135 30.49 2.17 -4.80
C GLN B 135 29.60 2.15 -3.57
N LYS B 136 28.54 1.34 -3.59
CA LYS B 136 27.62 1.22 -2.47
C LYS B 136 27.39 -0.24 -2.13
N ARG B 137 26.98 -0.49 -0.89
CA ARG B 137 26.74 -1.87 -0.49
C ARG B 137 25.25 -2.11 -0.31
N PRO B 138 24.75 -3.31 -0.63
CA PRO B 138 23.30 -3.54 -0.45
C PRO B 138 22.86 -3.26 0.96
N THR B 139 23.71 -3.55 1.94
CA THR B 139 23.46 -3.30 3.34
C THR B 139 23.27 -1.81 3.64
N ASP B 140 23.46 -0.95 2.64
CA ASP B 140 23.28 0.49 2.81
C ASP B 140 22.01 1.00 2.15
N LEU B 141 21.09 0.12 1.75
CA LEU B 141 19.80 0.52 1.20
C LEU B 141 18.77 0.85 2.27
N ASP B 142 19.20 1.54 3.33
CA ASP B 142 18.36 2.02 4.43
C ASP B 142 17.07 2.64 3.91
N VAL B 143 16.02 2.62 4.75
CA VAL B 143 14.75 3.25 4.40
C VAL B 143 14.96 4.72 4.07
N ASP B 144 15.63 5.45 4.96
CA ASP B 144 15.90 6.86 4.71
C ASP B 144 16.72 7.07 3.45
N THR B 145 17.63 6.14 3.15
CA THR B 145 18.43 6.26 1.93
C THR B 145 17.55 6.14 0.70
N LEU B 146 16.68 5.13 0.66
CA LEU B 146 15.80 4.97 -0.49
C LEU B 146 14.89 6.17 -0.65
N ALA B 147 14.37 6.69 0.47
CA ALA B 147 13.51 7.87 0.42
C ALA B 147 14.19 9.02 -0.31
N SER B 148 15.42 9.34 0.07
CA SER B 148 16.18 10.33 -0.68
C SER B 148 16.31 9.92 -2.14
N LEU B 149 16.56 8.63 -2.39
CA LEU B 149 16.67 8.15 -3.76
C LEU B 149 15.32 8.05 -4.46
N LEU B 150 14.22 8.18 -3.73
CA LEU B 150 12.87 8.07 -4.30
C LEU B 150 12.36 9.41 -4.81
N SER B 151 13.19 10.10 -5.59
CA SER B 151 12.88 11.39 -6.22
C SER B 151 12.24 12.35 -5.21
N SER B 152 12.93 12.55 -4.07
CA SER B 152 12.47 13.54 -3.11
C SER B 152 12.38 14.92 -3.75
N ASN B 153 13.32 15.24 -4.64
CA ASN B 153 13.32 16.48 -5.43
C ASN B 153 13.30 17.65 -4.47
N GLY B 154 12.29 18.51 -4.49
CA GLY B 154 12.12 19.52 -3.47
C GLY B 154 10.71 19.50 -2.93
N CYS B 155 10.14 18.30 -2.79
CA CYS B 155 8.78 18.12 -2.34
C CYS B 155 8.78 17.27 -1.07
N PRO B 156 8.04 17.65 -0.03
CA PRO B 156 7.83 16.75 1.11
C PRO B 156 6.75 15.73 0.79
N ASP B 157 6.61 14.75 1.69
CA ASP B 157 5.56 13.75 1.53
C ASP B 157 4.18 14.39 1.70
N PRO B 158 3.20 13.99 0.89
CA PRO B 158 1.85 14.54 1.04
C PRO B 158 1.27 14.19 2.40
N ASP B 159 0.55 15.15 2.98
CA ASP B 159 -0.13 14.88 4.24
C ASP B 159 -1.65 14.90 4.12
N LEU B 160 -2.19 15.45 3.03
CA LEU B 160 -3.63 15.46 2.81
C LEU B 160 -3.91 15.13 1.36
N VAL B 161 -4.63 14.04 1.14
CA VAL B 161 -5.09 13.66 -0.19
C VAL B 161 -6.60 13.84 -0.23
N LEU B 162 -7.09 14.46 -1.30
CA LEU B 162 -8.51 14.58 -1.54
C LEU B 162 -8.86 13.62 -2.67
N LYS B 163 -9.57 12.54 -2.34
CA LYS B 163 -9.96 11.52 -3.29
C LYS B 163 -11.32 11.87 -3.87
N PHE B 164 -11.34 12.34 -5.11
CA PHE B 164 -12.57 12.72 -5.79
C PHE B 164 -13.04 11.56 -6.66
N GLY B 165 -14.20 11.00 -6.32
CA GLY B 165 -14.81 9.97 -7.12
C GLY B 165 -15.57 8.95 -6.30
N PRO B 166 -16.20 8.00 -7.00
CA PRO B 166 -16.99 6.98 -6.30
C PRO B 166 -16.14 5.77 -5.95
N VAL B 167 -15.03 5.61 -6.67
CA VAL B 167 -14.09 4.54 -6.38
C VAL B 167 -13.39 4.85 -5.07
N ASP B 168 -13.22 3.82 -4.24
CA ASP B 168 -12.60 3.96 -2.94
C ASP B 168 -11.19 3.35 -2.97
N THR B 169 -10.30 4.04 -3.67
CA THR B 169 -8.96 3.54 -3.84
C THR B 169 -8.02 4.69 -4.17
N THR B 170 -6.75 4.52 -3.81
CA THR B 170 -5.71 5.46 -4.21
C THR B 170 -5.27 5.27 -5.66
N LEU B 171 -5.70 4.18 -6.31
CA LEU B 171 -5.38 3.91 -7.71
C LEU B 171 -3.89 4.08 -8.00
N GLY B 172 -3.05 3.85 -7.00
CA GLY B 172 -1.61 3.89 -7.19
C GLY B 172 -1.03 5.29 -7.17
N PHE B 173 -1.39 6.09 -6.17
CA PHE B 173 -0.88 7.45 -6.04
C PHE B 173 0.26 7.45 -5.03
N LEU B 174 1.48 7.61 -5.53
CA LEU B 174 2.71 7.74 -4.72
C LEU B 174 2.69 6.79 -3.52
N PRO B 175 2.64 5.48 -3.76
CA PRO B 175 2.45 4.54 -2.64
C PRO B 175 3.50 4.67 -1.55
N TRP B 176 4.74 5.00 -1.90
CA TRP B 176 5.77 5.16 -0.87
C TRP B 176 5.49 6.35 0.03
N HIS B 177 4.84 7.38 -0.50
CA HIS B 177 4.75 8.66 0.18
C HIS B 177 3.47 8.84 0.97
N ILE B 178 2.43 8.05 0.70
CA ILE B 178 1.15 8.18 1.39
C ILE B 178 1.15 7.35 2.67
N ARG B 179 2.33 7.04 3.20
CA ARG B 179 2.43 6.14 4.35
C ARG B 179 1.64 6.67 5.54
N LEU B 180 1.62 7.99 5.73
CA LEU B 180 0.89 8.60 6.84
C LEU B 180 -0.04 9.71 6.36
N THR B 181 -0.37 9.70 5.06
CA THR B 181 -1.25 10.71 4.50
C THR B 181 -2.69 10.46 4.92
N GLU B 182 -3.40 11.53 5.24
CA GLU B 182 -4.83 11.45 5.55
C GLU B 182 -5.62 11.55 4.25
N ILE B 183 -6.52 10.59 4.02
CA ILE B 183 -7.23 10.45 2.75
C ILE B 183 -8.68 10.84 2.95
N VAL B 184 -9.07 12.00 2.46
CA VAL B 184 -10.45 12.48 2.54
C VAL B 184 -11.09 12.36 1.16
N SER B 185 -12.36 11.96 1.14
CA SER B 185 -13.08 11.66 -0.08
C SER B 185 -14.25 12.61 -0.26
N LEU B 186 -14.41 13.09 -1.50
CA LEU B 186 -15.54 13.90 -1.91
C LEU B 186 -16.20 13.25 -3.12
N PRO B 187 -17.53 13.36 -3.26
CA PRO B 187 -18.22 12.54 -4.27
C PRO B 187 -17.85 12.90 -5.70
N SER B 188 -17.61 14.16 -6.00
CA SER B 188 -17.13 14.53 -7.32
C SER B 188 -16.40 15.86 -7.25
N HIS B 189 -15.48 16.06 -8.19
CA HIS B 189 -14.82 17.36 -8.34
C HIS B 189 -15.58 18.29 -9.27
N LEU B 190 -16.49 17.75 -10.07
CA LEU B 190 -17.24 18.59 -11.01
C LEU B 190 -18.09 19.60 -10.25
N ASN B 191 -17.95 20.87 -10.61
CA ASN B 191 -18.69 21.97 -9.99
C ASN B 191 -18.37 22.10 -8.50
N ILE B 192 -17.13 21.76 -8.11
CA ILE B 192 -16.76 21.79 -6.69
C ILE B 192 -16.97 23.19 -6.13
N SER B 193 -17.16 23.29 -4.81
CA SER B 193 -17.38 24.56 -4.13
C SER B 193 -16.34 24.77 -3.03
N TYR B 194 -16.05 26.05 -2.76
CA TYR B 194 -15.07 26.37 -1.73
C TYR B 194 -15.46 25.77 -0.38
N GLU B 195 -16.74 25.89 -0.01
CA GLU B 195 -17.19 25.33 1.26
C GLU B 195 -16.95 23.81 1.31
N ASP B 196 -17.15 23.13 0.18
CA ASP B 196 -16.82 21.71 0.13
C ASP B 196 -15.32 21.49 0.28
N PHE B 197 -14.52 22.29 -0.42
CA PHE B 197 -13.07 22.13 -0.32
C PHE B 197 -12.59 22.52 1.06
N PHE B 198 -13.13 23.59 1.64
CA PHE B 198 -12.65 24.05 2.94
C PHE B 198 -13.12 23.15 4.07
N SER B 199 -14.30 22.53 3.93
CA SER B 199 -14.74 21.59 4.95
C SER B 199 -13.81 20.39 5.03
N ALA B 200 -13.20 20.01 3.90
CA ALA B 200 -12.19 18.96 3.94
C ALA B 200 -10.97 19.40 4.74
N LEU B 201 -10.56 20.66 4.58
CA LEU B 201 -9.39 21.14 5.31
C LEU B 201 -9.64 21.17 6.81
N ARG B 202 -10.86 21.49 7.23
CA ARG B 202 -11.19 21.41 8.66
C ARG B 202 -11.03 20.00 9.16
N GLN B 203 -11.45 19.02 8.36
CA GLN B 203 -11.36 17.62 8.77
C GLN B 203 -9.91 17.24 9.03
N TYR B 204 -9.03 17.53 8.06
CA TYR B 204 -7.62 17.28 8.28
C TYR B 204 -7.11 18.02 9.51
N ALA B 205 -7.55 19.27 9.69
CA ALA B 205 -7.08 20.04 10.83
C ALA B 205 -7.40 19.34 12.16
N ALA B 206 -8.55 18.68 12.23
CA ALA B 206 -8.92 17.96 13.45
C ALA B 206 -8.36 16.55 13.50
N CYS B 207 -7.72 16.08 12.43
CA CYS B 207 -7.21 14.72 12.44
C CYS B 207 -6.04 14.61 13.39
N GLU B 208 -5.96 13.48 14.10
CA GLU B 208 -4.95 13.23 15.12
C GLU B 208 -3.96 12.20 14.62
N GLN B 209 -2.68 12.59 14.52
CA GLN B 209 -1.58 11.70 14.16
C GLN B 209 -0.81 11.36 15.44
N ARG B 210 -0.85 10.08 15.83
CA ARG B 210 -0.13 9.60 17.01
C ARG B 210 1.22 9.01 16.67
N LEU B 211 1.49 8.78 15.37
CA LEU B 211 2.80 8.32 14.93
C LEU B 211 3.19 7.03 15.62
N GLY B 212 2.19 6.18 15.85
CA GLY B 212 2.39 4.90 16.51
C GLY B 212 2.66 4.95 18.00
N LYS B 213 2.62 6.13 18.62
CA LYS B 213 2.85 6.22 20.07
C LYS B 213 1.54 6.30 20.87
#